data_2VBQ
#
_entry.id   2VBQ
#
_cell.length_a   84.964
_cell.length_b   44.599
_cell.length_c   88.387
_cell.angle_alpha   90.00
_cell.angle_beta   93.92
_cell.angle_gamma   90.00
#
_symmetry.space_group_name_H-M   'C 1 2 1'
#
loop_
_entity.id
_entity.type
_entity.pdbx_description
1 polymer "AMINOGLYCOSIDE 6'-N-ACETYLTRANSFERASE"
2 non-polymer '(3R,9Z)-17-[(2R,3S,4R,5R,6R)-5-amino-6-{[(1R,2R,3S,4R,6S)-4,6-diamino-2,3-dihydroxycyclohexyl]oxy}-3,4-dihydroxytetrahydro-2H-pyran-2-yl]-3-hydroxy-2,2-dimethyl-4,8,15-trioxo-12-thia-5,9,16-triazaheptadec-9-en-1-yl [(2R,3S,4R,5R)-5-(6-amino-9H-purin-9-yl)-4-hydroxy-3-(phosphonooxy)tetrahydrofuran-2-yl]methyl dihydrogen diphosphate'
3 non-polymer 'NICKEL (II) ION'
4 non-polymer GLYCEROL
5 water water
#
_entity_poly.entity_id   1
_entity_poly.type   'polypeptide(L)'
_entity_poly.pdbx_seq_one_letter_code
;MGSSHHHHHHSSGLVPRGSHMDIRQMNKTHLEHWRGLRKQLWPGHPDDAHLADGEEILQADHLASFIAMADGVAIGFADA
SIRHDYVNGCDSSPVVFLEGIFVLPSFRQRGVAKQLIAAVQRWGTNKGCREMASDTSPENTISQKVHQALGFEETERVIF
YRKRC
;
_entity_poly.pdbx_strand_id   A,B
#
# COMPACT_ATOMS: atom_id res chain seq x y z
N SER A 19 30.97 12.14 15.87
CA SER A 19 30.25 12.22 17.19
C SER A 19 29.18 11.13 17.32
N HIS A 20 28.87 10.74 18.55
CA HIS A 20 27.90 9.65 18.80
C HIS A 20 26.47 10.02 18.34
N MET A 21 25.89 9.15 17.53
CA MET A 21 24.52 9.36 17.03
C MET A 21 23.49 8.45 17.74
N ASP A 22 22.32 9.00 18.07
CA ASP A 22 21.23 8.20 18.59
C ASP A 22 20.00 8.27 17.69
N ILE A 23 19.31 7.14 17.50
CA ILE A 23 18.00 7.13 16.89
C ILE A 23 16.94 7.09 17.99
N ARG A 24 16.16 8.16 18.10
CA ARG A 24 15.15 8.26 19.13
C ARG A 24 13.76 8.08 18.47
N GLN A 25 12.95 7.15 18.99
CA GLN A 25 11.55 7.12 18.62
C GLN A 25 10.94 8.43 19.07
N MET A 26 10.17 9.04 18.19
CA MET A 26 9.65 10.36 18.44
C MET A 26 8.57 10.37 19.51
N ASN A 27 8.76 11.25 20.48
CA ASN A 27 7.76 11.49 21.50
C ASN A 27 7.48 13.00 21.49
N LYS A 28 6.63 13.46 22.40
CA LYS A 28 6.32 14.87 22.53
C LYS A 28 7.58 15.77 22.50
N THR A 29 8.65 15.32 23.14
CA THR A 29 9.86 16.13 23.22
C THR A 29 10.61 16.32 21.87
N HIS A 30 10.39 15.42 20.91
CA HIS A 30 11.07 15.54 19.61
C HIS A 30 10.17 16.06 18.50
N LEU A 31 8.96 16.51 18.86
CA LEU A 31 7.99 16.93 17.86
C LEU A 31 8.49 18.06 16.98
N GLU A 32 9.11 19.08 17.58
CA GLU A 32 9.68 20.20 16.78
C GLU A 32 10.88 19.80 15.90
N HIS A 33 11.75 18.93 16.42
CA HIS A 33 12.83 18.36 15.62
C HIS A 33 12.26 17.67 14.37
N TRP A 34 11.23 16.85 14.57
CA TRP A 34 10.58 16.09 13.50
C TRP A 34 9.88 16.97 12.46
N ARG A 35 9.00 17.86 12.92
CA ARG A 35 8.34 18.82 12.03
C ARG A 35 9.37 19.67 11.22
N GLY A 36 10.47 20.08 11.86
CA GLY A 36 11.50 20.89 11.16
C GLY A 36 12.13 20.16 9.97
N LEU A 37 12.37 18.86 10.14
CA LEU A 37 12.93 18.02 9.09
C LEU A 37 11.89 17.60 8.05
N ARG A 38 10.69 17.23 8.52
CA ARG A 38 9.63 16.76 7.64
C ARG A 38 9.25 17.79 6.57
N LYS A 39 9.30 19.07 6.95
CA LYS A 39 8.96 20.15 6.02
C LYS A 39 10.03 20.29 4.93
N GLN A 40 11.21 19.74 5.18
CA GLN A 40 12.25 19.73 4.17
C GLN A 40 12.17 18.52 3.25
N LEU A 41 11.68 17.38 3.75
CA LEU A 41 11.45 16.25 2.88
C LEU A 41 10.28 16.55 1.93
N TRP A 42 9.22 17.11 2.50
CA TRP A 42 8.00 17.41 1.78
C TRP A 42 7.69 18.91 1.87
N PRO A 43 8.41 19.76 1.08
CA PRO A 43 8.09 21.19 1.12
C PRO A 43 6.67 21.41 0.56
N GLY A 44 5.91 22.30 1.19
CA GLY A 44 4.57 22.65 0.70
C GLY A 44 3.46 21.68 1.08
N HIS A 45 3.82 20.54 1.67
CA HIS A 45 2.89 19.66 2.39
C HIS A 45 2.32 20.58 3.48
N PRO A 46 1.03 20.96 3.37
CA PRO A 46 0.40 22.03 4.21
C PRO A 46 0.79 22.09 5.70
N ASP A 47 0.87 23.32 6.21
CA ASP A 47 1.32 23.60 7.58
C ASP A 47 0.48 22.94 8.69
N ASP A 48 -0.83 22.81 8.46
CA ASP A 48 -1.74 22.20 9.43
C ASP A 48 -1.72 20.66 9.40
N ALA A 49 -1.26 20.10 8.29
CA ALA A 49 -1.13 18.65 8.11
C ALA A 49 -0.03 18.08 9.03
N HIS A 50 1.18 18.65 8.94
CA HIS A 50 2.31 18.27 9.81
C HIS A 50 1.93 18.22 11.30
N LEU A 51 1.14 19.20 11.74
CA LEU A 51 0.69 19.29 13.14
C LEU A 51 -0.23 18.12 13.54
N ALA A 52 -1.25 17.88 12.72
CA ALA A 52 -2.21 16.81 12.98
C ALA A 52 -1.51 15.45 12.88
N ASP A 53 -0.62 15.31 11.90
CA ASP A 53 0.19 14.09 11.72
C ASP A 53 1.05 13.78 12.94
N GLY A 54 1.70 14.81 13.48
CA GLY A 54 2.48 14.68 14.70
C GLY A 54 1.69 14.07 15.83
N GLU A 55 0.55 14.71 16.14
CA GLU A 55 -0.31 14.30 17.26
C GLU A 55 -0.83 12.87 17.08
N GLU A 56 -1.28 12.55 15.87
CA GLU A 56 -1.75 11.20 15.56
C GLU A 56 -0.66 10.17 15.85
N ILE A 57 0.55 10.40 15.33
CA ILE A 57 1.66 9.45 15.51
C ILE A 57 1.93 9.16 16.99
N LEU A 58 1.94 10.20 17.82
CA LEU A 58 2.20 10.03 19.25
C LEU A 58 1.14 9.17 19.95
N GLN A 59 -0.06 9.12 19.38
CA GLN A 59 -1.13 8.34 19.98
C GLN A 59 -1.28 6.92 19.40
N ALA A 60 -0.69 6.72 18.22
CA ALA A 60 -0.80 5.48 17.46
C ALA A 60 -0.09 4.27 18.07
N ASP A 61 -0.62 3.10 17.78
CA ASP A 61 0.16 1.90 17.91
C ASP A 61 0.57 1.32 16.55
N HIS A 62 0.05 1.86 15.44
CA HIS A 62 0.50 1.41 14.10
C HIS A 62 1.32 2.46 13.32
N LEU A 63 1.71 3.54 14.01
CA LEU A 63 2.59 4.57 13.48
C LEU A 63 3.69 4.82 14.47
N ALA A 64 4.92 4.98 13.98
CA ALA A 64 6.06 5.44 14.77
C ALA A 64 7.03 6.17 13.85
N SER A 65 7.65 7.20 14.39
CA SER A 65 8.67 7.97 13.70
C SER A 65 9.93 7.98 14.53
N PHE A 66 11.06 8.17 13.87
CA PHE A 66 12.38 8.01 14.46
C PHE A 66 13.25 9.20 14.02
N ILE A 67 13.98 9.78 14.98
CA ILE A 67 14.80 10.98 14.77
C ILE A 67 16.27 10.68 15.04
N ALA A 68 17.13 10.94 14.07
CA ALA A 68 18.57 10.79 14.25
C ALA A 68 19.11 12.04 14.92
N MET A 69 19.75 11.85 16.08
CA MET A 69 20.27 12.96 16.89
C MET A 69 21.78 12.82 17.01
N ALA A 70 22.54 13.92 16.84
CA ALA A 70 23.95 13.95 17.25
C ALA A 70 24.32 15.35 17.71
N ASP A 71 25.10 15.44 18.79
CA ASP A 71 25.46 16.75 19.37
C ASP A 71 24.22 17.61 19.70
N GLY A 72 23.08 16.96 19.97
CA GLY A 72 21.87 17.67 20.39
C GLY A 72 21.02 18.25 19.25
N VAL A 73 21.41 17.98 18.00
CA VAL A 73 20.62 18.42 16.83
C VAL A 73 20.04 17.21 16.12
N ALA A 74 18.94 17.44 15.41
CA ALA A 74 18.29 16.39 14.63
C ALA A 74 18.75 16.49 13.18
N ILE A 75 19.35 15.40 12.71
CA ILE A 75 19.97 15.42 11.40
C ILE A 75 19.23 14.58 10.36
N GLY A 76 18.22 13.83 10.80
CA GLY A 76 17.39 13.09 9.84
C GLY A 76 16.25 12.41 10.53
N PHE A 77 15.31 11.87 9.75
CA PHE A 77 14.17 11.15 10.33
C PHE A 77 13.64 10.10 9.39
N ALA A 78 12.84 9.21 9.97
CA ALA A 78 12.06 8.28 9.21
C ALA A 78 10.65 8.15 9.82
N ASP A 79 9.65 8.09 8.93
CA ASP A 79 8.29 7.76 9.35
C ASP A 79 8.05 6.30 9.01
N ALA A 80 7.41 5.55 9.91
CA ALA A 80 7.10 4.13 9.67
C ALA A 80 5.66 3.81 10.07
N SER A 81 5.09 2.78 9.48
CA SER A 81 3.79 2.28 9.87
C SER A 81 3.82 0.77 9.96
N ILE A 82 2.81 0.22 10.63
CA ILE A 82 2.48 -1.20 10.53
C ILE A 82 1.20 -1.28 9.70
N ARG A 83 1.34 -1.86 8.51
CA ARG A 83 0.27 -1.87 7.55
C ARG A 83 -0.42 -3.24 7.56
N HIS A 84 -1.75 -3.22 7.73
CA HIS A 84 -2.59 -4.42 7.52
C HIS A 84 -3.15 -4.51 6.08
N ASP A 85 -3.19 -3.39 5.35
CA ASP A 85 -3.63 -3.42 3.94
C ASP A 85 -2.64 -4.31 3.17
N TYR A 86 -3.11 -4.91 2.06
CA TYR A 86 -2.18 -5.58 1.15
C TYR A 86 -1.03 -4.64 0.83
N VAL A 87 0.20 -5.13 0.98
CA VAL A 87 1.39 -4.39 0.52
C VAL A 87 1.99 -5.09 -0.72
N ASN A 88 2.14 -4.31 -1.78
CA ASN A 88 2.75 -4.79 -3.02
C ASN A 88 4.07 -5.50 -2.78
N GLY A 89 4.15 -6.73 -3.32
CA GLY A 89 5.36 -7.56 -3.29
C GLY A 89 5.56 -8.38 -2.02
N CYS A 90 4.67 -8.21 -1.05
CA CYS A 90 4.74 -8.94 0.23
C CYS A 90 3.81 -10.13 0.25
N ASP A 91 4.15 -11.15 1.03
CA ASP A 91 3.34 -12.37 1.17
C ASP A 91 2.67 -12.48 2.51
N SER A 92 3.07 -11.68 3.49
CA SER A 92 2.51 -11.81 4.83
C SER A 92 1.84 -10.52 5.27
N SER A 93 1.21 -10.56 6.45
CA SER A 93 0.52 -9.42 7.02
C SER A 93 0.51 -9.56 8.54
N PRO A 94 0.76 -8.46 9.28
CA PRO A 94 0.99 -7.10 8.81
C PRO A 94 2.45 -6.91 8.34
N VAL A 95 2.70 -5.73 7.76
CA VAL A 95 4.02 -5.39 7.21
C VAL A 95 4.48 -4.06 7.82
N VAL A 96 5.76 -3.98 8.21
CA VAL A 96 6.37 -2.70 8.62
C VAL A 96 6.81 -1.89 7.39
N PHE A 97 6.26 -0.69 7.27
CA PHE A 97 6.40 0.06 6.04
C PHE A 97 7.16 1.36 6.25
N LEU A 98 8.18 1.59 5.43
CA LEU A 98 8.96 2.84 5.46
C LEU A 98 8.15 3.93 4.71
N GLU A 99 7.49 4.81 5.48
CA GLU A 99 6.56 5.79 4.91
C GLU A 99 7.29 7.06 4.42
N GLY A 100 8.45 7.34 4.99
CA GLY A 100 9.27 8.51 4.60
C GLY A 100 10.65 8.44 5.23
N ILE A 101 11.66 8.92 4.52
CA ILE A 101 13.00 8.98 5.07
C ILE A 101 13.75 10.16 4.45
N PHE A 102 14.48 10.89 5.30
CA PHE A 102 15.20 12.08 4.88
C PHE A 102 16.37 12.32 5.82
N VAL A 103 17.53 12.62 5.24
CA VAL A 103 18.71 13.00 6.01
C VAL A 103 19.20 14.32 5.43
N LEU A 104 19.53 15.27 6.30
CA LEU A 104 19.98 16.59 5.82
C LEU A 104 21.17 16.44 4.87
N PRO A 105 21.19 17.23 3.78
CA PRO A 105 22.29 17.18 2.78
C PRO A 105 23.70 17.05 3.38
N SER A 106 24.01 17.86 4.41
CA SER A 106 25.37 17.92 4.96
C SER A 106 25.76 16.68 5.76
N PHE A 107 24.76 15.88 6.15
CA PHE A 107 25.00 14.69 6.97
C PHE A 107 24.83 13.34 6.22
N ARG A 108 24.73 13.40 4.90
CA ARG A 108 24.48 12.24 4.04
C ARG A 108 25.72 11.36 3.80
N GLN A 109 25.48 10.08 3.49
CA GLN A 109 26.57 9.09 3.25
C GLN A 109 27.46 8.88 4.48
N ARG A 110 26.85 8.91 5.66
CA ARG A 110 27.53 8.68 6.91
C ARG A 110 26.85 7.56 7.67
N GLY A 111 25.86 6.93 7.05
CA GLY A 111 25.16 5.83 7.71
C GLY A 111 23.93 6.23 8.51
N VAL A 112 23.48 7.47 8.38
CA VAL A 112 22.28 7.94 9.11
C VAL A 112 21.04 7.13 8.68
N ALA A 113 20.76 7.08 7.38
CA ALA A 113 19.59 6.31 6.93
C ALA A 113 19.68 4.81 7.33
N LYS A 114 20.86 4.23 7.19
CA LYS A 114 21.07 2.85 7.64
C LYS A 114 20.55 2.63 9.08
N GLN A 115 21.00 3.49 10.00
CA GLN A 115 20.59 3.38 11.38
C GLN A 115 19.11 3.70 11.59
N LEU A 116 18.59 4.70 10.88
CA LEU A 116 17.15 4.98 10.90
C LEU A 116 16.33 3.74 10.49
N ILE A 117 16.72 3.10 9.38
CA ILE A 117 16.01 1.93 8.87
C ILE A 117 16.14 0.71 9.82
N ALA A 118 17.31 0.56 10.44
CA ALA A 118 17.52 -0.45 11.47
C ALA A 118 16.55 -0.29 12.65
N ALA A 119 16.29 0.97 13.05
CA ALA A 119 15.31 1.27 14.09
C ALA A 119 13.88 0.94 13.66
N VAL A 120 13.51 1.31 12.43
CA VAL A 120 12.18 0.93 11.86
C VAL A 120 12.01 -0.60 11.87
N GLN A 121 13.02 -1.31 11.36
CA GLN A 121 13.04 -2.79 11.37
C GLN A 121 12.85 -3.40 12.76
N ARG A 122 13.61 -2.88 13.73
CA ARG A 122 13.54 -3.27 15.14
C ARG A 122 12.10 -3.08 15.68
N TRP A 123 11.54 -1.89 15.46
CA TRP A 123 10.17 -1.61 15.82
C TRP A 123 9.17 -2.61 15.17
N GLY A 124 9.29 -2.82 13.87
CA GLY A 124 8.36 -3.71 13.18
C GLY A 124 8.53 -5.18 13.60
N THR A 125 9.78 -5.58 13.82
CA THR A 125 10.08 -6.93 14.30
C THR A 125 9.46 -7.16 15.67
N ASN A 126 9.61 -6.19 16.57
CA ASN A 126 9.02 -6.32 17.91
C ASN A 126 7.47 -6.33 17.92
N LYS A 127 6.90 -5.76 16.86
CA LYS A 127 5.45 -5.79 16.58
C LYS A 127 4.98 -7.02 15.80
N GLY A 128 5.87 -8.00 15.63
CA GLY A 128 5.53 -9.23 14.91
C GLY A 128 5.41 -9.13 13.40
N CYS A 129 6.06 -8.14 12.79
CA CYS A 129 6.07 -8.12 11.32
C CYS A 129 7.17 -9.04 10.74
N ARG A 130 6.82 -9.80 9.70
CA ARG A 130 7.79 -10.70 9.05
C ARG A 130 8.55 -10.02 7.91
N GLU A 131 7.96 -8.95 7.37
CA GLU A 131 8.51 -8.28 6.21
C GLU A 131 8.52 -6.77 6.46
N MET A 132 9.54 -6.12 5.92
CA MET A 132 9.61 -4.68 5.83
C MET A 132 9.53 -4.29 4.36
N ALA A 133 8.77 -3.25 4.07
CA ALA A 133 8.65 -2.76 2.71
C ALA A 133 8.75 -1.24 2.62
N SER A 134 8.90 -0.78 1.37
CA SER A 134 9.09 0.63 1.03
C SER A 134 8.79 0.79 -0.46
N ASP A 135 8.61 2.01 -0.92
CA ASP A 135 8.51 2.25 -2.34
C ASP A 135 9.24 3.55 -2.64
N THR A 136 9.58 3.73 -3.90
CA THR A 136 10.24 4.97 -4.29
C THR A 136 9.94 5.20 -5.76
N SER A 137 10.10 6.45 -6.18
CA SER A 137 9.94 6.79 -7.59
C SER A 137 11.01 6.12 -8.49
N PRO A 138 10.63 5.69 -9.72
CA PRO A 138 11.61 5.17 -10.69
C PRO A 138 12.66 6.22 -11.04
N GLU A 139 12.33 7.50 -10.83
CA GLU A 139 13.22 8.62 -11.10
C GLU A 139 14.28 8.83 -10.00
N ASN A 140 14.01 8.37 -8.79
CA ASN A 140 14.91 8.65 -7.66
C ASN A 140 15.95 7.56 -7.55
N THR A 141 17.04 7.71 -8.33
CA THR A 141 18.02 6.65 -8.44
C THR A 141 18.84 6.47 -7.17
N ILE A 142 19.10 7.57 -6.45
CA ILE A 142 19.85 7.48 -5.17
C ILE A 142 19.05 6.63 -4.17
N SER A 143 17.75 6.89 -4.09
CA SER A 143 16.87 6.10 -3.21
C SER A 143 16.90 4.62 -3.56
N GLN A 144 16.85 4.29 -4.85
CA GLN A 144 16.92 2.89 -5.28
C GLN A 144 18.23 2.24 -4.80
N LYS A 145 19.36 2.91 -5.05
CA LYS A 145 20.67 2.43 -4.60
C LYS A 145 20.74 2.22 -3.08
N VAL A 146 20.22 3.22 -2.35
CA VAL A 146 20.10 3.16 -0.90
C VAL A 146 19.29 1.94 -0.46
N HIS A 147 18.08 1.76 -1.02
CA HIS A 147 17.23 0.63 -0.58
C HIS A 147 18.00 -0.71 -0.79
N GLN A 148 18.62 -0.84 -1.94
CA GLN A 148 19.35 -2.07 -2.27
C GLN A 148 20.61 -2.33 -1.45
N ALA A 149 21.32 -1.27 -1.10
CA ALA A 149 22.51 -1.37 -0.22
C ALA A 149 22.13 -1.86 1.17
N LEU A 150 20.93 -1.48 1.62
CA LEU A 150 20.47 -1.80 2.97
C LEU A 150 19.67 -3.11 3.01
N GLY A 151 19.78 -3.88 1.95
CA GLY A 151 19.23 -5.22 1.94
C GLY A 151 17.79 -5.40 1.49
N PHE A 152 17.20 -4.36 0.90
CA PHE A 152 15.87 -4.46 0.28
C PHE A 152 16.07 -5.01 -1.11
N GLU A 153 15.16 -5.85 -1.56
CA GLU A 153 15.12 -6.24 -2.96
C GLU A 153 13.86 -5.69 -3.64
N GLU A 154 14.03 -5.27 -4.88
CA GLU A 154 12.90 -4.87 -5.71
C GLU A 154 11.92 -6.03 -5.88
N THR A 155 10.64 -5.75 -5.74
CA THR A 155 9.64 -6.80 -5.89
C THR A 155 8.80 -6.59 -7.15
N GLU A 156 8.29 -5.39 -7.34
CA GLU A 156 7.46 -5.07 -8.52
C GLU A 156 7.39 -3.58 -8.69
N ARG A 157 7.09 -3.17 -9.91
CA ARG A 157 6.86 -1.78 -10.23
C ARG A 157 5.39 -1.66 -10.62
N VAL A 158 4.74 -0.58 -10.21
CA VAL A 158 3.31 -0.42 -10.50
C VAL A 158 2.91 1.00 -10.84
N ILE A 159 1.77 1.12 -11.50
CA ILE A 159 1.11 2.39 -11.75
C ILE A 159 -0.14 2.47 -10.88
N PHE A 160 -0.26 3.51 -10.06
CA PHE A 160 -1.47 3.68 -9.25
C PHE A 160 -2.53 4.51 -9.98
N TYR A 161 -3.79 4.18 -9.74
CA TYR A 161 -4.94 4.91 -10.27
C TYR A 161 -5.85 5.34 -9.14
N ARG A 162 -6.63 6.39 -9.37
CA ARG A 162 -7.67 6.80 -8.45
C ARG A 162 -8.88 7.39 -9.18
N LYS A 163 -10.03 7.21 -8.57
CA LYS A 163 -11.30 7.73 -9.05
C LYS A 163 -12.02 8.24 -7.80
N ARG A 164 -12.59 9.44 -7.87
CA ARG A 164 -13.40 9.96 -6.76
C ARG A 164 -14.73 9.21 -6.66
N CYS A 165 -15.15 8.90 -5.44
CA CYS A 165 -16.39 8.15 -5.18
C CYS A 165 -17.62 9.03 -5.11
N ASP B 22 -25.61 -11.26 -14.29
CA ASP B 22 -25.77 -10.61 -12.96
C ASP B 22 -24.48 -10.62 -12.15
N ILE B 23 -24.34 -9.57 -11.34
CA ILE B 23 -23.21 -9.38 -10.45
C ILE B 23 -23.73 -9.66 -9.06
N ARG B 24 -23.15 -10.66 -8.39
CA ARG B 24 -23.46 -10.91 -7.00
C ARG B 24 -22.24 -10.83 -6.08
N GLN B 25 -22.46 -10.42 -4.82
CA GLN B 25 -21.39 -10.48 -3.83
C GLN B 25 -21.07 -11.94 -3.56
N MET B 26 -19.77 -12.24 -3.54
CA MET B 26 -19.29 -13.59 -3.24
C MET B 26 -19.65 -14.11 -1.85
N ASN B 27 -20.18 -15.33 -1.83
CA ASN B 27 -20.47 -16.08 -0.61
C ASN B 27 -19.87 -17.49 -0.74
N LYS B 28 -20.07 -18.34 0.28
CA LYS B 28 -19.45 -19.67 0.33
C LYS B 28 -19.69 -20.53 -0.94
N THR B 29 -20.85 -20.37 -1.56
CA THR B 29 -21.23 -21.18 -2.72
C THR B 29 -20.44 -20.84 -3.98
N HIS B 30 -19.85 -19.63 -4.03
CA HIS B 30 -19.11 -19.17 -5.21
C HIS B 30 -17.64 -19.54 -5.16
N LEU B 31 -17.16 -19.96 -3.98
CA LEU B 31 -15.73 -20.08 -3.73
C LEU B 31 -14.99 -20.90 -4.76
N GLU B 32 -15.57 -22.05 -5.14
CA GLU B 32 -14.92 -22.95 -6.07
C GLU B 32 -14.70 -22.35 -7.47
N HIS B 33 -15.73 -21.72 -8.01
CA HIS B 33 -15.66 -21.08 -9.33
C HIS B 33 -14.86 -19.78 -9.32
N TRP B 34 -14.96 -19.02 -8.22
CA TRP B 34 -14.08 -17.88 -7.94
C TRP B 34 -12.62 -18.31 -7.97
N ARG B 35 -12.29 -19.40 -7.27
CA ARG B 35 -10.91 -19.94 -7.24
C ARG B 35 -10.41 -20.27 -8.66
N GLY B 36 -11.30 -20.84 -9.47
CA GLY B 36 -10.98 -21.19 -10.86
C GLY B 36 -10.57 -20.01 -11.71
N LEU B 37 -11.31 -18.90 -11.60
CA LEU B 37 -10.96 -17.65 -12.28
C LEU B 37 -9.73 -16.95 -11.68
N ARG B 38 -9.65 -16.92 -10.35
CA ARG B 38 -8.54 -16.28 -9.64
C ARG B 38 -7.17 -16.89 -9.93
N LYS B 39 -7.16 -18.20 -10.20
CA LYS B 39 -5.94 -18.93 -10.56
C LYS B 39 -5.48 -18.54 -11.95
N GLN B 40 -6.44 -18.10 -12.76
CA GLN B 40 -6.16 -17.56 -14.10
C GLN B 40 -5.59 -16.15 -14.02
N LEU B 41 -6.13 -15.30 -13.14
CA LEU B 41 -5.53 -14.00 -12.88
C LEU B 41 -4.10 -14.13 -12.28
N TRP B 42 -3.95 -15.04 -11.34
CA TRP B 42 -2.71 -15.14 -10.58
C TRP B 42 -2.21 -16.58 -10.50
N PRO B 43 -1.65 -17.10 -11.62
CA PRO B 43 -1.11 -18.48 -11.70
C PRO B 43 0.05 -18.78 -10.74
N GLY B 44 0.75 -17.71 -10.34
CA GLY B 44 1.86 -17.76 -9.36
C GLY B 44 1.47 -18.17 -7.95
N HIS B 45 0.41 -17.56 -7.40
CA HIS B 45 -0.29 -18.00 -6.18
C HIS B 45 -0.33 -19.54 -5.99
N PRO B 46 0.09 -20.05 -4.81
CA PRO B 46 -0.10 -21.49 -4.53
C PRO B 46 -1.60 -21.82 -4.39
N ASP B 47 -2.00 -23.06 -4.67
CA ASP B 47 -3.44 -23.43 -4.58
C ASP B 47 -3.95 -23.49 -3.16
N ASP B 48 -3.01 -23.72 -2.24
CA ASP B 48 -3.22 -23.53 -0.81
C ASP B 48 -3.88 -22.16 -0.56
N ALA B 49 -3.24 -21.10 -1.06
CA ALA B 49 -3.62 -19.72 -0.78
C ALA B 49 -5.06 -19.32 -1.11
N HIS B 50 -5.59 -19.71 -2.28
CA HIS B 50 -6.95 -19.31 -2.70
C HIS B 50 -8.00 -19.78 -1.69
N LEU B 51 -7.80 -21.01 -1.20
CA LEU B 51 -8.56 -21.60 -0.11
C LEU B 51 -8.62 -20.66 1.11
N ALA B 52 -7.45 -20.39 1.67
CA ALA B 52 -7.29 -19.49 2.79
C ALA B 52 -7.87 -18.09 2.52
N ASP B 53 -7.62 -17.57 1.31
CA ASP B 53 -7.96 -16.17 0.97
C ASP B 53 -9.47 -16.01 0.94
N GLY B 54 -10.15 -17.04 0.43
CA GLY B 54 -11.62 -17.11 0.36
C GLY B 54 -12.22 -17.08 1.75
N GLU B 55 -11.77 -17.99 2.64
CA GLU B 55 -12.16 -17.94 4.05
C GLU B 55 -12.00 -16.52 4.67
N GLU B 56 -10.85 -15.90 4.40
CA GLU B 56 -10.52 -14.59 4.99
C GLU B 56 -11.51 -13.50 4.54
N ILE B 57 -11.78 -13.43 3.24
CA ILE B 57 -12.72 -12.46 2.66
C ILE B 57 -14.11 -12.60 3.29
N LEU B 58 -14.62 -13.84 3.38
CA LEU B 58 -15.92 -14.11 4.00
C LEU B 58 -15.94 -13.81 5.52
N GLN B 59 -14.80 -13.90 6.20
CA GLN B 59 -14.72 -13.57 7.63
C GLN B 59 -14.64 -12.04 7.89
N ALA B 60 -14.06 -11.30 6.95
CA ALA B 60 -13.71 -9.90 7.17
C ALA B 60 -14.73 -8.91 6.70
N ASP B 61 -15.07 -7.96 7.57
CA ASP B 61 -15.88 -6.79 7.19
C ASP B 61 -15.26 -5.85 6.15
N HIS B 62 -13.92 -5.74 6.17
CA HIS B 62 -13.17 -4.83 5.29
C HIS B 62 -12.76 -5.45 3.92
N LEU B 63 -13.27 -6.65 3.65
CA LEU B 63 -13.07 -7.34 2.37
C LEU B 63 -14.41 -7.74 1.75
N ALA B 64 -14.48 -7.65 0.43
CA ALA B 64 -15.59 -8.25 -0.32
C ALA B 64 -15.16 -8.53 -1.74
N SER B 65 -15.77 -9.57 -2.30
CA SER B 65 -15.53 -9.94 -3.68
C SER B 65 -16.86 -10.03 -4.39
N PHE B 66 -16.80 -9.86 -5.70
CA PHE B 66 -18.01 -9.80 -6.54
C PHE B 66 -17.79 -10.69 -7.74
N ILE B 67 -18.84 -11.42 -8.12
CA ILE B 67 -18.78 -12.44 -9.16
C ILE B 67 -19.82 -12.11 -10.24
N ALA B 68 -19.36 -12.12 -11.50
CA ALA B 68 -20.23 -11.95 -12.65
C ALA B 68 -20.63 -13.34 -13.17
N MET B 69 -21.94 -13.58 -13.27
CA MET B 69 -22.47 -14.89 -13.64
C MET B 69 -23.21 -14.84 -14.97
N ALA B 70 -23.04 -15.90 -15.77
CA ALA B 70 -23.78 -16.10 -17.02
C ALA B 70 -24.29 -17.54 -17.00
N ASP B 71 -25.63 -17.70 -17.01
CA ASP B 71 -26.27 -19.02 -16.88
C ASP B 71 -25.79 -19.79 -15.63
N GLY B 72 -25.56 -19.07 -14.53
CA GLY B 72 -25.04 -19.68 -13.30
C GLY B 72 -23.58 -20.11 -13.29
N VAL B 73 -22.82 -19.74 -14.32
CA VAL B 73 -21.38 -19.98 -14.31
C VAL B 73 -20.65 -18.65 -14.13
N ALA B 74 -19.67 -18.63 -13.24
CA ALA B 74 -18.89 -17.43 -12.99
C ALA B 74 -17.96 -17.16 -14.18
N ILE B 75 -18.04 -15.95 -14.74
CA ILE B 75 -17.22 -15.59 -15.88
C ILE B 75 -16.36 -14.37 -15.64
N GLY B 76 -16.49 -13.80 -14.44
CA GLY B 76 -15.63 -12.70 -14.02
C GLY B 76 -15.73 -12.52 -12.52
N PHE B 77 -14.72 -11.88 -11.94
CA PHE B 77 -14.76 -11.52 -10.52
C PHE B 77 -13.93 -10.26 -10.27
N ALA B 78 -14.23 -9.60 -9.16
CA ALA B 78 -13.35 -8.56 -8.69
C ALA B 78 -13.18 -8.82 -7.21
N ASP B 79 -11.94 -8.74 -6.75
CA ASP B 79 -11.64 -8.73 -5.32
C ASP B 79 -11.43 -7.30 -4.89
N ALA B 80 -12.09 -6.89 -3.82
CA ALA B 80 -11.92 -5.54 -3.29
C ALA B 80 -11.64 -5.49 -1.79
N SER B 81 -11.04 -4.40 -1.34
CA SER B 81 -10.84 -4.16 0.08
C SER B 81 -11.23 -2.74 0.49
N ILE B 82 -11.48 -2.57 1.77
CA ILE B 82 -11.45 -1.24 2.38
C ILE B 82 -10.05 -1.05 2.97
N ARG B 83 -9.31 -0.12 2.40
CA ARG B 83 -7.93 0.17 2.86
C ARG B 83 -7.84 1.31 3.86
N HIS B 84 -7.22 1.02 5.00
CA HIS B 84 -7.06 1.99 6.09
C HIS B 84 -5.67 2.61 6.25
N ASP B 85 -4.70 2.10 5.50
CA ASP B 85 -3.34 2.60 5.59
C ASP B 85 -3.12 3.57 4.44
N TYR B 86 -1.91 4.13 4.38
CA TYR B 86 -1.54 5.01 3.26
C TYR B 86 -1.77 4.27 1.94
N VAL B 87 -2.39 4.97 0.99
CA VAL B 87 -2.61 4.47 -0.36
C VAL B 87 -2.02 5.46 -1.38
N ASN B 88 -1.04 5.01 -2.16
CA ASN B 88 -0.38 5.92 -3.09
C ASN B 88 -1.40 6.66 -3.98
N GLY B 89 -1.23 7.97 -4.12
CA GLY B 89 -2.09 8.82 -4.95
C GLY B 89 -3.35 9.38 -4.32
N CYS B 90 -3.74 8.84 -3.16
CA CYS B 90 -4.98 9.19 -2.46
C CYS B 90 -4.72 10.17 -1.34
N ASP B 91 -5.73 10.98 -1.00
CA ASP B 91 -5.62 11.93 0.13
C ASP B 91 -6.63 11.77 1.26
N SER B 92 -7.46 10.75 1.20
CA SER B 92 -8.36 10.49 2.29
C SER B 92 -8.32 9.02 2.65
N SER B 93 -9.03 8.67 3.73
CA SER B 93 -9.05 7.32 4.30
C SER B 93 -10.42 7.17 4.98
N PRO B 94 -11.09 6.03 4.79
CA PRO B 94 -10.53 4.89 4.06
C PRO B 94 -10.66 5.04 2.55
N VAL B 95 -10.08 4.09 1.82
CA VAL B 95 -10.13 4.04 0.36
C VAL B 95 -10.73 2.68 -0.05
N VAL B 96 -11.65 2.62 -1.02
CA VAL B 96 -12.02 1.29 -1.62
C VAL B 96 -10.96 0.97 -2.65
N PHE B 97 -10.42 -0.22 -2.59
CA PHE B 97 -9.31 -0.58 -3.46
C PHE B 97 -9.66 -1.80 -4.27
N LEU B 98 -9.46 -1.68 -5.59
CA LEU B 98 -9.61 -2.82 -6.47
C LEU B 98 -8.35 -3.71 -6.40
N GLU B 99 -8.46 -4.79 -5.63
CA GLU B 99 -7.32 -5.69 -5.38
C GLU B 99 -7.06 -6.65 -6.57
N GLY B 100 -8.11 -6.93 -7.35
CA GLY B 100 -7.96 -7.89 -8.45
C GLY B 100 -9.23 -7.85 -9.28
N ILE B 101 -9.07 -7.97 -10.60
CA ILE B 101 -10.23 -8.16 -11.49
C ILE B 101 -9.83 -9.01 -12.69
N PHE B 102 -10.71 -9.94 -13.05
CA PHE B 102 -10.48 -10.80 -14.21
C PHE B 102 -11.83 -11.15 -14.83
N VAL B 103 -11.88 -11.11 -16.16
CA VAL B 103 -13.06 -11.52 -16.95
C VAL B 103 -12.56 -12.57 -17.95
N LEU B 104 -13.33 -13.64 -18.17
CA LEU B 104 -12.94 -14.65 -19.17
C LEU B 104 -12.71 -14.00 -20.53
N PRO B 105 -11.66 -14.43 -21.28
CA PRO B 105 -11.46 -13.81 -22.61
C PRO B 105 -12.74 -13.80 -23.48
N SER B 106 -13.50 -14.89 -23.50
CA SER B 106 -14.73 -14.94 -24.30
C SER B 106 -15.78 -13.88 -23.94
N PHE B 107 -15.77 -13.42 -22.68
CA PHE B 107 -16.77 -12.46 -22.19
C PHE B 107 -16.24 -11.01 -22.06
N ARG B 108 -15.05 -10.76 -22.58
CA ARG B 108 -14.43 -9.45 -22.56
C ARG B 108 -15.06 -8.48 -23.54
N GLN B 109 -14.90 -7.19 -23.26
CA GLN B 109 -15.39 -6.03 -24.06
C GLN B 109 -16.92 -5.99 -24.20
N ARG B 110 -17.59 -6.41 -23.13
CA ARG B 110 -19.04 -6.41 -23.02
C ARG B 110 -19.52 -5.66 -21.79
N GLY B 111 -18.60 -5.02 -21.07
CA GLY B 111 -19.01 -4.21 -19.93
C GLY B 111 -19.06 -4.97 -18.61
N VAL B 112 -18.53 -6.19 -18.59
CA VAL B 112 -18.50 -7.00 -17.36
C VAL B 112 -17.64 -6.32 -16.30
N ALA B 113 -16.42 -5.92 -16.67
CA ALA B 113 -15.51 -5.22 -15.74
C ALA B 113 -16.13 -3.93 -15.25
N LYS B 114 -16.74 -3.17 -16.16
CA LYS B 114 -17.42 -1.92 -15.82
C LYS B 114 -18.44 -2.13 -14.72
N GLN B 115 -19.24 -3.19 -14.85
CA GLN B 115 -20.26 -3.54 -13.86
C GLN B 115 -19.70 -4.10 -12.54
N LEU B 116 -18.63 -4.89 -12.62
CA LEU B 116 -17.94 -5.37 -11.41
C LEU B 116 -17.40 -4.20 -10.61
N ILE B 117 -16.77 -3.24 -11.29
CA ILE B 117 -16.16 -2.08 -10.65
C ILE B 117 -17.24 -1.16 -10.07
N ALA B 118 -18.38 -1.09 -10.75
CA ALA B 118 -19.52 -0.31 -10.24
C ALA B 118 -20.02 -0.92 -8.93
N ALA B 119 -20.09 -2.25 -8.86
CA ALA B 119 -20.48 -2.93 -7.62
C ALA B 119 -19.45 -2.64 -6.50
N VAL B 120 -18.16 -2.69 -6.84
CA VAL B 120 -17.08 -2.40 -5.87
C VAL B 120 -17.25 -0.98 -5.32
N GLN B 121 -17.46 -0.01 -6.23
CA GLN B 121 -17.63 1.40 -5.88
C GLN B 121 -18.82 1.67 -4.92
N ARG B 122 -19.96 1.06 -5.19
CA ARG B 122 -21.13 1.10 -4.28
C ARG B 122 -20.83 0.50 -2.89
N TRP B 123 -20.11 -0.63 -2.87
CA TRP B 123 -19.75 -1.23 -1.58
C TRP B 123 -18.87 -0.26 -0.77
N GLY B 124 -17.88 0.32 -1.45
CA GLY B 124 -16.97 1.29 -0.84
C GLY B 124 -17.63 2.57 -0.36
N THR B 125 -18.58 3.08 -1.13
CA THR B 125 -19.38 4.25 -0.72
C THR B 125 -20.21 3.95 0.53
N ASN B 126 -20.80 2.77 0.56
CA ASN B 126 -21.46 2.27 1.77
C ASN B 126 -20.54 2.05 2.97
N LYS B 127 -19.23 2.01 2.74
CA LYS B 127 -18.25 1.91 3.83
C LYS B 127 -17.59 3.27 4.10
N GLY B 128 -18.15 4.31 3.51
CA GLY B 128 -17.67 5.67 3.70
C GLY B 128 -16.36 6.06 3.04
N CYS B 129 -15.98 5.35 1.96
CA CYS B 129 -14.78 5.72 1.22
C CYS B 129 -15.08 6.88 0.27
N ARG B 130 -14.19 7.87 0.22
CA ARG B 130 -14.36 9.01 -0.70
C ARG B 130 -13.56 8.81 -1.99
N GLU B 131 -12.66 7.83 -1.98
CA GLU B 131 -11.82 7.51 -3.12
C GLU B 131 -11.82 6.01 -3.37
N MET B 132 -11.76 5.66 -4.65
CA MET B 132 -11.50 4.32 -5.09
C MET B 132 -10.13 4.35 -5.78
N ALA B 133 -9.30 3.35 -5.47
CA ALA B 133 -7.98 3.29 -6.07
C ALA B 133 -7.72 1.90 -6.61
N SER B 134 -6.70 1.80 -7.46
CA SER B 134 -6.32 0.53 -8.06
C SER B 134 -4.87 0.68 -8.44
N ASP B 135 -4.24 -0.43 -8.84
CA ASP B 135 -2.93 -0.37 -9.48
C ASP B 135 -2.77 -1.44 -10.55
N THR B 136 -1.76 -1.28 -11.42
CA THR B 136 -1.45 -2.32 -12.43
C THR B 136 0.02 -2.29 -12.85
N SER B 137 0.39 -3.28 -13.65
CA SER B 137 1.72 -3.41 -14.22
C SER B 137 1.95 -2.37 -15.32
N PRO B 138 3.20 -1.85 -15.47
CA PRO B 138 3.45 -0.94 -16.60
C PRO B 138 3.38 -1.65 -17.95
N GLU B 139 3.49 -2.97 -17.95
CA GLU B 139 3.42 -3.73 -19.18
C GLU B 139 2.00 -4.09 -19.55
N ASN B 140 1.12 -4.14 -18.55
CA ASN B 140 -0.28 -4.49 -18.78
C ASN B 140 -1.02 -3.29 -19.37
N THR B 141 -0.80 -3.11 -20.68
CA THR B 141 -1.33 -2.00 -21.48
C THR B 141 -2.86 -1.96 -21.53
N ILE B 142 -3.47 -3.12 -21.72
CA ILE B 142 -4.93 -3.25 -21.78
C ILE B 142 -5.57 -2.75 -20.46
N SER B 143 -5.05 -3.19 -19.32
CA SER B 143 -5.60 -2.79 -18.00
C SER B 143 -5.52 -1.28 -17.78
N GLN B 144 -4.45 -0.67 -18.27
CA GLN B 144 -4.28 0.79 -18.28
C GLN B 144 -5.38 1.49 -19.07
N LYS B 145 -5.67 1.02 -20.30
CA LYS B 145 -6.79 1.57 -21.11
C LYS B 145 -8.11 1.43 -20.35
N VAL B 146 -8.29 0.28 -19.71
CA VAL B 146 -9.50 0.00 -18.95
C VAL B 146 -9.77 0.99 -17.81
N HIS B 147 -8.77 1.24 -16.96
CA HIS B 147 -8.89 2.23 -15.88
C HIS B 147 -9.18 3.62 -16.41
N GLN B 148 -8.46 3.99 -17.47
CA GLN B 148 -8.66 5.25 -18.20
C GLN B 148 -10.12 5.41 -18.65
N ALA B 149 -10.58 4.39 -19.37
CA ALA B 149 -11.94 4.33 -19.92
C ALA B 149 -12.99 4.45 -18.83
N LEU B 150 -12.71 3.85 -17.66
CA LEU B 150 -13.69 3.81 -16.58
C LEU B 150 -13.60 5.01 -15.62
N GLY B 151 -12.82 6.02 -15.98
CA GLY B 151 -12.80 7.28 -15.23
C GLY B 151 -11.73 7.41 -14.16
N PHE B 152 -10.81 6.45 -14.09
CA PHE B 152 -9.69 6.54 -13.14
C PHE B 152 -8.67 7.45 -13.77
N GLU B 153 -7.87 8.09 -12.92
CA GLU B 153 -6.73 8.90 -13.35
C GLU B 153 -5.44 8.32 -12.78
N GLU B 154 -4.39 8.31 -13.59
CA GLU B 154 -3.06 7.96 -13.14
C GLU B 154 -2.58 8.95 -12.09
N THR B 155 -2.03 8.42 -10.99
CA THR B 155 -1.51 9.24 -9.90
C THR B 155 0.05 9.22 -9.82
N GLU B 156 0.62 8.07 -9.49
CA GLU B 156 2.06 7.94 -9.46
C GLU B 156 2.48 6.56 -9.89
N ARG B 157 3.73 6.46 -10.32
CA ARG B 157 4.39 5.17 -10.58
C ARG B 157 5.51 4.99 -9.54
N VAL B 158 5.58 3.80 -8.97
CA VAL B 158 6.58 3.55 -7.94
C VAL B 158 7.20 2.18 -8.12
N ILE B 159 8.35 1.99 -7.48
CA ILE B 159 8.98 0.70 -7.34
C ILE B 159 8.84 0.24 -5.90
N PHE B 160 8.40 -1.00 -5.69
CA PHE B 160 8.29 -1.51 -4.32
C PHE B 160 9.50 -2.35 -3.93
N TYR B 161 9.85 -2.27 -2.66
CA TYR B 161 10.96 -3.03 -2.09
C TYR B 161 10.51 -3.84 -0.90
N ARG B 162 11.22 -4.92 -0.66
CA ARG B 162 10.98 -5.78 0.48
C ARG B 162 12.28 -6.25 1.10
N LYS B 163 12.29 -6.28 2.42
CA LYS B 163 13.35 -6.91 3.19
C LYS B 163 12.68 -7.83 4.22
N ARG B 164 13.11 -9.09 4.27
CA ARG B 164 12.60 -10.01 5.27
C ARG B 164 13.19 -9.71 6.64
N CYS B 165 12.31 -9.65 7.63
CA CYS B 165 12.67 -9.38 9.01
C CYS B 165 12.91 -10.69 9.71
#